data_3CAL
#
_entry.id   3CAL
#
_cell.length_a   36.495
_cell.length_b   73.438
_cell.length_c   36.742
_cell.angle_alpha   90.00
_cell.angle_beta   95.05
_cell.angle_gamma   90.00
#
_symmetry.space_group_name_H-M   'P 1 21 1'
#
loop_
_entity.id
_entity.type
_entity.pdbx_description
1 polymer Fibronectin
2 polymer 'peptide from Fibronectin-binding protein A'
3 water water
#
loop_
_entity_poly.entity_id
_entity_poly.type
_entity_poly.pdbx_seq_one_letter_code
_entity_poly.pdbx_strand_id
1 'polypeptide(L)'
;AEETCFDKYTGNTYRVGDTYERPKDSMIWDCTCIGAGRGRISCTIANRCHEGGQSYKIGDTWRRPHETGGYMLECVCLGN
GKGEWTCKPI
;
A,C
2 'polypeptide(L)' (ACE)KGIVTGAVSDHTTVEDTK(NH2) B,D
#
loop_
_chem_comp.id
_chem_comp.type
_chem_comp.name
_chem_comp.formula
ACE non-polymer 'ACETYL GROUP' 'C2 H4 O'
NH2 non-polymer 'AMINO GROUP' 'H2 N'
#
# COMPACT_ATOMS: atom_id res chain seq x y z
N GLU A 2 -10.56 19.24 -14.29
CA GLU A 2 -11.12 18.65 -15.54
C GLU A 2 -10.40 17.34 -15.87
N GLU A 3 -9.16 17.16 -15.37
CA GLU A 3 -8.41 15.95 -15.71
C GLU A 3 -8.94 14.76 -14.91
N THR A 4 -9.16 13.64 -15.58
CA THR A 4 -9.80 12.54 -14.90
C THR A 4 -9.12 11.23 -15.24
N CYS A 5 -9.39 10.20 -14.42
CA CYS A 5 -9.20 8.80 -14.76
C CYS A 5 -10.56 8.12 -14.83
N PHE A 6 -10.74 7.17 -15.74
CA PHE A 6 -11.98 6.37 -15.76
C PHE A 6 -11.61 4.91 -15.47
N ASP A 7 -12.27 4.30 -14.48
CA ASP A 7 -11.98 2.92 -14.15
C ASP A 7 -13.17 2.06 -14.55
N LYS A 8 -13.01 1.22 -15.57
CA LYS A 8 -14.15 0.42 -16.07
C LYS A 8 -14.60 -0.63 -15.07
N TYR A 9 -13.71 -1.01 -14.15
CA TYR A 9 -14.02 -1.99 -13.12
C TYR A 9 -14.94 -1.41 -12.08
N THR A 10 -14.83 -0.12 -11.76
CA THR A 10 -15.78 0.49 -10.82
C THR A 10 -16.88 1.26 -11.54
N GLY A 11 -16.64 1.56 -12.83
CA GLY A 11 -17.49 2.42 -13.64
C GLY A 11 -17.50 3.88 -13.21
N ASN A 12 -16.53 4.26 -12.39
CA ASN A 12 -16.49 5.65 -11.86
C ASN A 12 -15.38 6.50 -12.52
N THR A 13 -15.60 7.83 -12.50
CA THR A 13 -14.62 8.80 -13.01
C THR A 13 -14.01 9.47 -11.81
N TYR A 14 -12.68 9.54 -11.77
CA TYR A 14 -11.93 10.07 -10.65
C TYR A 14 -11.12 11.29 -11.03
N ARG A 15 -10.83 12.10 -10.02
CA ARG A 15 -9.95 13.24 -10.16
C ARG A 15 -8.55 12.80 -9.81
N VAL A 16 -7.60 13.62 -10.22
CA VAL A 16 -6.21 13.37 -9.78
C VAL A 16 -6.05 13.35 -8.23
N GLY A 17 -5.40 12.27 -7.75
CA GLY A 17 -5.14 12.07 -6.32
C GLY A 17 -6.19 11.25 -5.58
N ASP A 18 -7.32 10.99 -6.24
CA ASP A 18 -8.36 10.18 -5.67
C ASP A 18 -7.90 8.74 -5.52
N THR A 19 -8.29 8.14 -4.41
CA THR A 19 -8.05 6.71 -4.13
C THR A 19 -9.36 6.01 -4.06
N TYR A 20 -9.34 4.74 -4.38
CA TYR A 20 -10.56 3.96 -4.42
C TYR A 20 -10.22 2.49 -4.44
N GLU A 21 -11.21 1.66 -4.13
CA GLU A 21 -11.09 0.20 -4.25
C GLU A 21 -11.63 -0.30 -5.57
N ARG A 22 -10.91 -1.19 -6.21
CA ARG A 22 -11.28 -1.77 -7.48
C ARG A 22 -11.42 -3.28 -7.41
N PRO A 23 -12.55 -3.84 -7.91
CA PRO A 23 -12.66 -5.29 -8.11
C PRO A 23 -12.04 -5.73 -9.43
N LYS A 24 -11.10 -6.67 -9.36
CA LYS A 24 -10.51 -7.22 -10.56
C LYS A 24 -9.76 -8.51 -10.26
N ASP A 25 -9.88 -9.47 -11.16
CA ASP A 25 -9.15 -10.73 -11.02
C ASP A 25 -9.50 -11.40 -9.69
N SER A 26 -10.74 -11.25 -9.25
CA SER A 26 -11.19 -11.88 -8.01
C SER A 26 -10.53 -11.33 -6.73
N MET A 27 -9.94 -10.13 -6.81
CA MET A 27 -9.24 -9.49 -5.71
C MET A 27 -9.72 -8.05 -5.59
N ILE A 28 -9.42 -7.40 -4.47
CA ILE A 28 -9.70 -5.96 -4.34
CA ILE A 28 -9.68 -5.98 -4.25
C ILE A 28 -8.37 -5.22 -4.38
N TRP A 29 -8.30 -4.25 -5.29
CA TRP A 29 -7.09 -3.46 -5.47
C TRP A 29 -7.26 -2.09 -4.88
N ASP A 30 -6.20 -1.54 -4.25
CA ASP A 30 -6.17 -0.16 -3.86
C ASP A 30 -5.61 0.69 -4.99
N CYS A 31 -6.44 1.52 -5.63
CA CYS A 31 -6.04 2.29 -6.80
C CYS A 31 -5.96 3.80 -6.51
N THR A 32 -5.12 4.51 -7.31
CA THR A 32 -5.01 5.96 -7.22
C THR A 32 -5.04 6.54 -8.63
N CYS A 33 -5.84 7.59 -8.84
CA CYS A 33 -5.85 8.32 -10.09
C CYS A 33 -4.63 9.26 -10.12
N ILE A 34 -3.65 8.91 -10.95
CA ILE A 34 -2.43 9.67 -11.14
C ILE A 34 -2.65 10.78 -12.17
N GLY A 35 -3.29 10.43 -13.28
CA GLY A 35 -3.64 11.41 -14.32
C GLY A 35 -2.55 11.40 -15.38
N ALA A 36 -1.57 12.29 -15.23
CA ALA A 36 -0.48 12.38 -16.21
C ALA A 36 -0.94 12.64 -17.66
N GLY A 37 -2.07 13.31 -17.83
CA GLY A 37 -2.59 13.52 -19.17
C GLY A 37 -3.10 12.27 -19.89
N ARG A 38 -3.13 11.14 -19.19
CA ARG A 38 -3.41 9.83 -19.80
C ARG A 38 -4.43 8.98 -19.02
N GLY A 39 -5.08 9.58 -18.05
CA GLY A 39 -6.08 8.82 -17.26
C GLY A 39 -5.32 7.76 -16.49
N ARG A 40 -4.07 8.06 -16.10
CA ARG A 40 -3.19 7.00 -15.57
C ARG A 40 -3.61 6.64 -14.19
N ILE A 41 -3.68 5.32 -13.94
CA ILE A 41 -4.04 4.76 -12.64
C ILE A 41 -2.96 3.79 -12.14
N SER A 42 -2.56 3.90 -10.88
CA SER A 42 -1.71 2.93 -10.22
C SER A 42 -2.52 2.16 -9.19
N CYS A 43 -2.47 0.84 -9.25
CA CYS A 43 -3.24 -0.02 -8.35
C CYS A 43 -2.37 -1.06 -7.69
N THR A 44 -2.74 -1.47 -6.49
CA THR A 44 -1.96 -2.52 -5.82
C THR A 44 -2.81 -3.41 -4.94
N ILE A 45 -2.37 -4.67 -4.87
CA ILE A 45 -2.88 -5.62 -3.87
C ILE A 45 -1.86 -5.88 -2.75
N ALA A 46 -0.74 -5.15 -2.74
CA ALA A 46 0.34 -5.46 -1.79
C ALA A 46 -0.06 -5.25 -0.32
N ASN A 47 -1.05 -4.41 -0.09
CA ASN A 47 -1.41 -4.06 1.30
C ASN A 47 -2.71 -4.74 1.75
N ARG A 48 -3.10 -5.79 1.05
CA ARG A 48 -4.25 -6.59 1.34
C ARG A 48 -3.81 -8.04 1.22
N CYS A 49 -4.57 -8.96 1.81
CA CYS A 49 -4.30 -10.39 1.63
C CYS A 49 -5.45 -11.04 0.88
N HIS A 50 -5.11 -11.94 -0.01
CA HIS A 50 -6.10 -12.67 -0.79
C HIS A 50 -5.84 -14.15 -0.62
N GLU A 51 -6.77 -14.80 0.05
CA GLU A 51 -6.64 -16.22 0.34
C GLU A 51 -8.01 -16.85 0.29
N GLY A 52 -8.09 -18.08 -0.20
CA GLY A 52 -9.37 -18.81 -0.29
C GLY A 52 -10.51 -18.05 -0.97
N GLY A 53 -10.15 -17.24 -1.98
CA GLY A 53 -11.10 -16.43 -2.72
C GLY A 53 -11.63 -15.18 -2.04
N GLN A 54 -11.15 -14.89 -0.84
CA GLN A 54 -11.60 -13.74 -0.12
C GLN A 54 -10.49 -12.68 -0.06
N SER A 55 -10.90 -11.52 0.39
CA SER A 55 -10.03 -10.37 0.43
C SER A 55 -10.00 -9.88 1.85
N TYR A 56 -8.79 -9.67 2.36
CA TYR A 56 -8.62 -9.28 3.71
C TYR A 56 -7.74 -8.05 3.81
N LYS A 57 -7.94 -7.30 4.87
CA LYS A 57 -7.11 -6.15 5.23
C LYS A 57 -6.05 -6.54 6.22
N ILE A 58 -5.03 -5.69 6.34
CA ILE A 58 -3.96 -5.97 7.29
C ILE A 58 -4.54 -6.08 8.73
N GLY A 59 -4.15 -7.15 9.44
CA GLY A 59 -4.71 -7.42 10.78
C GLY A 59 -5.92 -8.33 10.84
N ASP A 60 -6.62 -8.51 9.72
CA ASP A 60 -7.74 -9.47 9.70
C ASP A 60 -7.24 -10.87 10.01
N THR A 61 -8.11 -11.66 10.62
CA THR A 61 -7.84 -13.06 10.81
C THR A 61 -9.03 -13.84 10.28
N TRP A 62 -8.80 -15.08 9.92
CA TRP A 62 -9.89 -15.90 9.43
C TRP A 62 -9.51 -17.35 9.62
N ARG A 63 -10.50 -18.21 9.51
CA ARG A 63 -10.36 -19.60 9.80
C ARG A 63 -10.51 -20.37 8.51
N ARG A 64 -9.80 -21.49 8.42
N ARG A 64 -9.78 -21.48 8.42
CA ARG A 64 -10.06 -22.41 7.32
CA ARG A 64 -9.99 -22.40 7.30
C ARG A 64 -9.53 -23.77 7.72
C ARG A 64 -9.51 -23.78 7.73
N PRO A 65 -10.27 -24.82 7.35
CA PRO A 65 -9.86 -26.17 7.60
C PRO A 65 -8.52 -26.44 6.94
N HIS A 66 -7.65 -27.20 7.60
CA HIS A 66 -6.44 -27.67 6.93
C HIS A 66 -6.84 -28.61 5.78
N GLU A 67 -6.53 -28.22 4.55
CA GLU A 67 -6.95 -29.01 3.39
C GLU A 67 -6.39 -30.44 3.45
N GLY A 69 -6.45 -33.69 5.98
CA GLY A 69 -6.83 -32.72 6.99
C GLY A 69 -6.00 -32.89 8.25
N GLY A 70 -6.63 -32.78 9.42
CA GLY A 70 -8.02 -32.39 9.52
C GLY A 70 -8.20 -31.64 10.83
N TYR A 71 -7.72 -30.39 10.85
CA TYR A 71 -7.83 -29.49 11.97
C TYR A 71 -8.11 -28.10 11.40
N MET A 72 -8.48 -27.15 12.24
CA MET A 72 -8.70 -25.80 11.71
C MET A 72 -7.36 -25.09 11.65
N LEU A 73 -7.21 -24.18 10.68
CA LEU A 73 -6.13 -23.20 10.71
C LEU A 73 -6.66 -21.82 11.09
N GLU A 74 -5.86 -21.05 11.82
CA GLU A 74 -6.10 -19.63 11.93
C GLU A 74 -5.11 -18.87 11.07
N CYS A 75 -5.64 -17.95 10.26
CA CYS A 75 -4.85 -17.19 9.30
C CYS A 75 -4.87 -15.74 9.69
N VAL A 76 -3.77 -15.05 9.41
CA VAL A 76 -3.72 -13.63 9.65
C VAL A 76 -3.14 -12.90 8.45
N CYS A 77 -3.65 -11.70 8.22
CA CYS A 77 -3.13 -10.87 7.14
C CYS A 77 -2.05 -9.93 7.66
N LEU A 78 -0.83 -10.11 7.16
CA LEU A 78 0.28 -9.27 7.58
C LEU A 78 0.63 -8.13 6.62
N GLY A 79 0.55 -8.40 5.32
CA GLY A 79 0.90 -7.38 4.36
C GLY A 79 2.39 -7.43 4.07
N ASN A 80 3.17 -6.71 4.89
CA ASN A 80 4.62 -6.65 4.71
C ASN A 80 5.04 -6.32 3.27
N GLY A 81 4.20 -5.56 2.58
CA GLY A 81 4.55 -5.04 1.26
C GLY A 81 4.38 -6.00 0.10
N LYS A 82 3.79 -7.17 0.38
CA LYS A 82 3.64 -8.18 -0.63
C LYS A 82 2.41 -9.07 -0.35
N GLY A 83 1.39 -8.48 0.25
CA GLY A 83 0.14 -9.22 0.50
C GLY A 83 0.34 -10.47 1.34
N GLU A 84 1.30 -10.40 2.25
CA GLU A 84 1.68 -11.63 3.00
C GLU A 84 0.63 -12.07 4.04
N TRP A 85 0.30 -13.37 4.03
CA TRP A 85 -0.55 -13.93 5.07
C TRP A 85 0.05 -15.23 5.55
N THR A 86 -0.37 -15.65 6.74
CA THR A 86 0.13 -16.91 7.28
C THR A 86 -1.01 -17.64 7.97
N CYS A 87 -1.05 -18.97 7.82
CA CYS A 87 -2.02 -19.85 8.47
C CYS A 87 -1.29 -20.89 9.30
N LYS A 88 -1.72 -21.06 10.56
CA LYS A 88 -1.18 -22.14 11.36
C LYS A 88 -2.27 -22.85 12.15
N PRO A 89 -2.00 -24.10 12.52
CA PRO A 89 -3.03 -24.84 13.25
C PRO A 89 -3.47 -24.07 14.45
N ILE A 90 -4.75 -24.02 14.74
CA ILE A 90 -5.10 -23.67 16.11
C ILE A 90 -5.68 -25.00 16.55
C ACE B 1 2.31 -32.12 12.30
O ACE B 1 3.30 -32.72 12.78
CH3 ACE B 1 1.09 -32.83 11.85
N LYS B 2 2.25 -30.79 12.19
CA LYS B 2 1.11 -30.10 11.62
C LYS B 2 1.59 -29.03 10.62
N GLY B 3 0.78 -28.79 9.59
CA GLY B 3 1.18 -27.88 8.51
C GLY B 3 1.00 -26.41 8.82
N ILE B 4 1.91 -25.61 8.28
CA ILE B 4 1.79 -24.17 8.30
C ILE B 4 1.90 -23.69 6.86
N VAL B 5 1.17 -22.64 6.52
CA VAL B 5 1.09 -22.19 5.14
C VAL B 5 1.19 -20.66 5.14
N THR B 6 2.01 -20.11 4.24
CA THR B 6 2.22 -18.67 4.12
C THR B 6 2.07 -18.31 2.66
N GLY B 7 1.35 -17.24 2.38
CA GLY B 7 1.16 -16.83 0.98
C GLY B 7 1.59 -15.39 0.77
N ALA B 8 1.92 -15.05 -0.46
CA ALA B 8 2.16 -13.64 -0.75
C ALA B 8 1.82 -13.44 -2.22
N VAL B 9 2.08 -12.24 -2.74
CA VAL B 9 1.77 -12.00 -4.17
C VAL B 9 2.95 -11.38 -4.84
N SER B 10 3.18 -11.77 -6.12
CA SER B 10 4.13 -11.09 -6.96
C SER B 10 3.38 -10.24 -8.00
N ASP B 11 4.09 -9.33 -8.68
CA ASP B 11 3.45 -8.47 -9.72
C ASP B 11 2.21 -7.78 -9.14
N HIS B 12 2.37 -7.33 -7.89
CA HIS B 12 1.23 -6.88 -7.06
C HIS B 12 0.83 -5.43 -7.33
N THR B 13 1.59 -4.74 -8.17
CA THR B 13 1.33 -3.32 -8.40
C THR B 13 1.35 -3.04 -9.89
N THR B 14 0.31 -2.34 -10.36
CA THR B 14 0.09 -2.12 -11.79
C THR B 14 -0.09 -0.65 -12.10
N VAL B 15 0.22 -0.27 -13.33
CA VAL B 15 -0.05 1.07 -13.84
C VAL B 15 -0.71 0.91 -15.19
N GLU B 16 -1.81 1.63 -15.42
CA GLU B 16 -2.40 1.63 -16.72
C GLU B 16 -2.93 3.03 -17.08
N ASP B 17 -3.00 3.30 -18.37
CA ASP B 17 -3.60 4.55 -18.83
C ASP B 17 -5.04 4.30 -19.29
N THR B 18 -5.93 5.22 -18.98
CA THR B 18 -7.34 5.00 -19.32
C THR B 18 -7.90 6.09 -20.27
N LYS B 19 -7.04 7.04 -20.61
CA LYS B 19 -7.36 8.11 -21.55
C LYS B 19 -6.09 8.56 -22.28
N GLU C 2 18.10 -7.27 -19.74
CA GLU C 2 16.77 -7.32 -19.06
C GLU C 2 16.35 -5.91 -18.67
N GLU C 3 15.04 -5.68 -18.62
CA GLU C 3 14.49 -4.39 -18.30
C GLU C 3 14.89 -3.91 -16.92
N THR C 4 15.22 -2.64 -16.75
CA THR C 4 15.44 -2.13 -15.39
C THR C 4 14.78 -0.76 -15.15
N CYS C 5 14.55 -0.45 -13.88
CA CYS C 5 14.23 0.90 -13.46
C CYS C 5 15.43 1.50 -12.78
N PHE C 6 15.56 2.83 -12.87
CA PHE C 6 16.63 3.55 -12.12
C PHE C 6 16.03 4.55 -11.18
N ASP C 7 16.44 4.54 -9.91
CA ASP C 7 15.91 5.47 -8.96
C ASP C 7 16.93 6.54 -8.64
N LYS C 8 16.61 7.80 -8.92
CA LYS C 8 17.62 8.88 -8.74
C LYS C 8 17.91 9.20 -7.28
N TYR C 9 17.04 8.76 -6.37
CA TYR C 9 17.25 8.96 -4.92
C TYR C 9 18.17 7.88 -4.32
N THR C 10 17.90 6.60 -4.58
CA THR C 10 18.74 5.56 -4.02
C THR C 10 19.99 5.39 -4.88
N GLY C 11 19.91 5.81 -6.16
CA GLY C 11 21.05 5.69 -7.09
C GLY C 11 21.27 4.25 -7.54
N ASN C 12 20.26 3.38 -7.35
CA ASN C 12 20.33 2.01 -7.77
C ASN C 12 19.40 1.67 -8.96
N THR C 13 19.70 0.54 -9.60
CA THR C 13 18.81 0.02 -10.64
C THR C 13 18.09 -1.16 -10.03
N TYR C 14 16.91 -1.47 -10.56
CA TYR C 14 16.02 -2.48 -10.04
C TYR C 14 15.47 -3.29 -11.20
N ARG C 15 15.11 -4.54 -10.97
CA ARG C 15 14.47 -5.37 -11.96
C ARG C 15 12.94 -5.23 -11.82
N VAL C 16 12.23 -5.58 -12.89
CA VAL C 16 10.75 -5.53 -12.85
C VAL C 16 10.21 -6.41 -11.70
N GLY C 17 9.35 -5.80 -10.90
CA GLY C 17 8.70 -6.48 -9.78
C GLY C 17 9.34 -6.12 -8.48
N ASP C 18 10.54 -5.54 -8.51
CA ASP C 18 11.28 -5.30 -7.29
C ASP C 18 10.61 -4.20 -6.51
N THR C 19 10.66 -4.33 -5.18
CA THR C 19 10.20 -3.28 -4.30
C THR C 19 11.36 -2.79 -3.47
N TYR C 20 11.31 -1.51 -3.15
CA TYR C 20 12.39 -0.88 -2.37
C TYR C 20 11.92 0.40 -1.73
N GLU C 21 12.73 0.91 -0.81
CA GLU C 21 12.43 2.15 -0.13
C GLU C 21 13.17 3.34 -0.76
N ARG C 22 12.45 4.41 -1.00
CA ARG C 22 13.00 5.62 -1.57
C ARG C 22 12.93 6.73 -0.55
N PRO C 23 14.06 7.43 -0.27
CA PRO C 23 14.04 8.66 0.54
C PRO C 23 13.85 9.88 -0.34
N LYS C 24 12.73 10.57 -0.12
CA LYS C 24 12.39 11.73 -0.89
C LYS C 24 11.46 12.64 -0.11
N ASP C 25 11.69 13.94 -0.15
CA ASP C 25 10.81 14.92 0.51
C ASP C 25 10.60 14.59 2.00
N SER C 26 11.69 14.16 2.64
CA SER C 26 11.73 13.89 4.08
C SER C 26 10.85 12.70 4.49
N MET C 27 10.54 11.86 3.52
CA MET C 27 9.69 10.70 3.73
C MET C 27 10.30 9.44 3.12
N ILE C 28 9.82 8.28 3.59
CA ILE C 28 10.19 7.02 2.97
CA ILE C 28 10.13 6.97 3.05
C ILE C 28 9.00 6.55 2.13
N TRP C 29 9.29 6.37 0.84
CA TRP C 29 8.34 5.88 -0.16
C TRP C 29 8.55 4.40 -0.43
N ASP C 30 7.45 3.64 -0.53
CA ASP C 30 7.52 2.25 -1.00
C ASP C 30 7.38 2.25 -2.52
N CYS C 31 8.47 1.93 -3.21
CA CYS C 31 8.47 1.95 -4.69
C CYS C 31 8.49 0.55 -5.28
N THR C 32 7.88 0.42 -6.45
CA THR C 32 7.88 -0.82 -7.22
C THR C 32 8.32 -0.53 -8.63
N CYS C 33 9.26 -1.34 -9.15
CA CYS C 33 9.72 -1.19 -10.52
C CYS C 33 8.71 -1.89 -11.41
N ILE C 34 7.95 -1.11 -12.17
CA ILE C 34 6.91 -1.61 -13.05
C ILE C 34 7.50 -2.04 -14.40
N GLY C 35 8.40 -1.22 -14.93
CA GLY C 35 9.05 -1.48 -16.23
C GLY C 35 8.28 -0.82 -17.36
N ALA C 36 7.40 -1.63 -17.96
CA ALA C 36 6.53 -1.24 -19.09
C ALA C 36 7.32 -0.66 -20.26
N GLY C 37 8.58 -1.12 -20.41
CA GLY C 37 9.43 -0.59 -21.50
C GLY C 37 9.87 0.84 -21.37
N ARG C 38 9.69 1.42 -20.18
CA ARG C 38 9.93 2.82 -19.87
C ARG C 38 10.63 3.03 -18.51
N GLY C 39 11.16 1.96 -17.92
CA GLY C 39 11.79 2.11 -16.59
C GLY C 39 10.80 2.64 -15.54
N ARG C 40 9.53 2.31 -15.72
CA ARG C 40 8.47 2.95 -14.92
C ARG C 40 8.46 2.46 -13.50
N ILE C 41 8.31 3.43 -12.57
CA ILE C 41 8.34 3.17 -11.16
C ILE C 41 7.06 3.78 -10.55
N SER C 42 6.34 2.98 -9.76
CA SER C 42 5.25 3.52 -8.93
C SER C 42 5.73 3.60 -7.47
N CYS C 43 5.56 4.75 -6.84
CA CYS C 43 5.96 4.96 -5.45
C CYS C 43 4.80 5.50 -4.63
N THR C 44 4.75 5.08 -3.37
CA THR C 44 3.68 5.61 -2.50
C THR C 44 4.10 5.80 -1.05
N ILE C 45 3.57 6.85 -0.41
CA ILE C 45 3.67 7.02 1.04
C ILE C 45 2.36 6.66 1.79
N ALA C 46 1.41 6.06 1.05
CA ALA C 46 0.07 5.81 1.55
C ALA C 46 0.04 4.76 2.65
N ASN C 47 1.05 3.91 2.71
CA ASN C 47 1.04 2.79 3.68
C ASN C 47 2.02 3.01 4.86
N ARG C 48 2.42 4.25 5.03
CA ARG C 48 3.31 4.70 6.05
C ARG C 48 2.77 5.99 6.62
N CYS C 49 3.22 6.37 7.83
CA CYS C 49 2.80 7.62 8.45
C CYS C 49 4.02 8.49 8.61
N HIS C 50 3.88 9.76 8.31
CA HIS C 50 4.97 10.70 8.47
C HIS C 50 4.46 11.82 9.33
N GLU C 51 5.05 11.88 10.52
CA GLU C 51 4.65 12.85 11.53
C GLU C 51 5.89 13.32 12.25
N GLY C 52 6.00 14.63 12.45
CA GLY C 52 7.12 15.22 13.18
C GLY C 52 8.48 15.01 12.52
N GLY C 53 8.50 14.80 11.20
CA GLY C 53 9.76 14.54 10.50
C GLY C 53 10.24 13.10 10.61
N GLN C 54 9.46 12.24 11.25
CA GLN C 54 9.79 10.83 11.30
C GLN C 54 8.88 9.98 10.37
N SER C 55 9.36 8.77 10.08
CA SER C 55 8.65 7.84 9.28
C SER C 55 8.24 6.65 10.12
N TYR C 56 6.97 6.26 10.03
CA TYR C 56 6.42 5.13 10.80
C TYR C 56 5.74 4.12 9.92
N LYS C 57 5.72 2.87 10.37
CA LYS C 57 4.98 1.84 9.70
C LYS C 57 3.64 1.63 10.38
N ILE C 58 2.69 1.06 9.66
CA ILE C 58 1.36 0.83 10.19
C ILE C 58 1.45 0.03 11.49
N GLY C 59 0.83 0.53 12.56
CA GLY C 59 0.90 -0.11 13.87
C GLY C 59 1.94 0.46 14.81
N ASP C 60 2.93 1.18 14.28
CA ASP C 60 3.87 1.91 15.13
C ASP C 60 3.09 2.84 16.03
N THR C 61 3.74 3.24 17.13
CA THR C 61 3.22 4.26 18.01
C THR C 61 4.39 5.07 18.49
N TRP C 62 4.18 6.36 18.68
CA TRP C 62 5.22 7.25 19.17
C TRP C 62 4.57 8.23 20.11
N ARG C 63 5.38 8.99 20.83
CA ARG C 63 4.83 9.96 21.75
C ARG C 63 5.40 11.33 21.48
N ARG C 64 4.59 12.34 21.74
CA ARG C 64 5.07 13.71 21.70
C ARG C 64 4.16 14.57 22.57
N PRO C 65 4.70 15.70 23.06
CA PRO C 65 3.91 16.64 23.82
C PRO C 65 2.90 17.35 22.92
N HIS C 66 2.08 18.24 23.48
CA HIS C 66 1.03 18.90 22.71
C HIS C 66 1.36 20.37 22.47
N GLU C 67 0.45 21.07 21.77
CA GLU C 67 0.56 22.50 21.46
C GLU C 67 0.41 23.37 22.71
N GLY C 70 0.76 20.72 27.57
CA GLY C 70 0.60 20.43 28.99
C GLY C 70 0.57 18.93 29.27
N TYR C 71 0.20 18.17 28.25
CA TYR C 71 0.12 16.71 28.35
C TYR C 71 0.84 16.05 27.19
N MET C 72 1.03 14.74 27.31
CA MET C 72 1.67 13.97 26.27
C MET C 72 0.60 13.36 25.40
N LEU C 73 0.90 13.26 24.11
CA LEU C 73 0.03 12.56 23.18
C LEU C 73 0.65 11.21 22.80
N GLU C 74 -0.20 10.22 22.59
CA GLU C 74 0.19 8.95 22.01
C GLU C 74 -0.42 8.80 20.61
N CYS C 75 0.44 8.49 19.64
CA CYS C 75 0.07 8.47 18.23
C CYS C 75 0.10 7.06 17.70
N VAL C 76 -0.79 6.76 16.78
CA VAL C 76 -0.74 5.47 16.14
C VAL C 76 -0.75 5.69 14.63
N CYS C 77 0.08 4.92 13.94
CA CYS C 77 0.03 4.90 12.49
C CYS C 77 -1.02 3.89 12.01
N LEU C 78 -2.11 4.40 11.42
CA LEU C 78 -3.19 3.58 10.90
C LEU C 78 -3.02 3.24 9.43
N GLY C 79 -2.62 4.23 8.64
CA GLY C 79 -2.49 4.04 7.19
C GLY C 79 -3.79 4.35 6.47
N ASN C 80 -4.64 3.33 6.38
CA ASN C 80 -5.98 3.50 5.83
C ASN C 80 -5.96 4.09 4.42
N GLY C 81 -4.89 3.78 3.67
CA GLY C 81 -4.77 4.22 2.29
C GLY C 81 -4.36 5.68 2.06
N LYS C 82 -4.00 6.40 3.13
CA LYS C 82 -3.64 7.81 2.99
C LYS C 82 -2.67 8.24 4.07
N GLY C 83 -1.85 7.30 4.54
CA GLY C 83 -0.85 7.58 5.57
C GLY C 83 -1.46 8.18 6.82
N GLU C 84 -2.66 7.71 7.16
CA GLU C 84 -3.41 8.32 8.25
C GLU C 84 -2.85 7.95 9.63
N TRP C 85 -2.66 8.97 10.46
CA TRP C 85 -2.24 8.75 11.83
C TRP C 85 -3.10 9.57 12.78
N THR C 86 -3.19 9.12 14.04
CA THR C 86 -3.92 9.90 15.06
C THR C 86 -3.15 10.00 16.35
N CYS C 87 -3.27 11.13 17.02
CA CYS C 87 -2.68 11.36 18.32
C CYS C 87 -3.73 11.85 19.28
N LYS C 88 -3.73 11.25 20.46
CA LYS C 88 -4.66 11.64 21.53
C LYS C 88 -3.91 11.67 22.87
N PRO C 89 -4.36 12.51 23.81
CA PRO C 89 -3.57 12.71 25.03
C PRO C 89 -3.44 11.40 25.81
N ILE C 90 -2.34 11.24 26.55
CA ILE C 90 -2.05 9.97 27.22
C ILE C 90 -1.30 9.00 26.31
C ACE D 1 -9.19 19.87 26.43
O ACE D 1 -8.13 20.36 26.80
CH3 ACE D 1 -10.51 20.43 26.92
N LYS D 2 -9.22 18.72 25.78
CA LYS D 2 -7.95 18.15 25.31
C LYS D 2 -7.93 17.93 23.79
N GLY D 3 -6.76 18.15 23.19
CA GLY D 3 -6.64 18.16 21.71
C GLY D 3 -6.41 16.79 21.13
N ILE D 4 -7.12 16.52 20.02
CA ILE D 4 -7.00 15.39 19.16
C ILE D 4 -6.39 15.88 17.88
N VAL D 5 -5.48 15.10 17.31
CA VAL D 5 -4.78 15.53 16.09
C VAL D 5 -4.71 14.31 15.19
N THR D 6 -5.16 14.49 13.95
CA THR D 6 -5.14 13.43 12.97
C THR D 6 -4.41 14.02 11.77
N GLY D 7 -3.55 13.23 11.13
CA GLY D 7 -2.91 13.69 9.93
C GLY D 7 -3.02 12.65 8.84
N ALA D 8 -2.87 13.11 7.60
CA ALA D 8 -2.81 12.16 6.47
C ALA D 8 -2.01 12.81 5.36
N VAL D 9 -1.98 12.19 4.18
CA VAL D 9 -1.25 12.80 3.07
C VAL D 9 -2.09 12.78 1.82
N SER D 10 -1.93 13.84 1.02
CA SER D 10 -2.54 13.94 -0.28
C SER D 10 -1.49 13.70 -1.38
N ASP D 11 -1.92 13.30 -2.57
CA ASP D 11 -0.99 13.10 -3.70
C ASP D 11 0.11 12.15 -3.30
N HIS D 12 -0.29 11.02 -2.70
CA HIS D 12 0.65 10.16 -1.98
C HIS D 12 1.25 9.08 -2.85
N THR D 13 0.91 9.12 -4.13
CA THR D 13 1.34 8.03 -5.02
C THR D 13 1.75 8.61 -6.34
N THR D 14 2.93 8.20 -6.81
CA THR D 14 3.54 8.82 -7.95
C THR D 14 3.93 7.72 -8.96
N VAL D 15 3.97 8.09 -10.24
CA VAL D 15 4.45 7.23 -11.29
C VAL D 15 5.40 8.07 -12.12
N GLU D 16 6.54 7.46 -12.47
CA GLU D 16 7.52 8.12 -13.30
C GLU D 16 8.26 7.13 -14.19
N ASP D 17 8.65 7.62 -15.34
CA ASP D 17 9.45 6.81 -16.24
C ASP D 17 10.91 7.18 -16.03
N THR D 18 11.78 6.19 -16.20
CA THR D 18 13.21 6.34 -15.91
C THR D 18 14.05 5.68 -17.00
N LYS D 19 15.37 5.83 -16.93
CA LYS D 19 16.20 5.04 -17.84
C LYS D 19 16.20 3.58 -17.37
N NH2 D 20 16.78 2.69 -18.18
#